data_7PYC
#
_entry.id   7PYC
#
_cell.length_a   50.462
_cell.length_b   69.329
_cell.length_c   118.132
_cell.angle_alpha   90.000
_cell.angle_beta   90.000
_cell.angle_gamma   90.000
#
_symmetry.space_group_name_H-M   'I 2 2 2'
#
loop_
_entity.id
_entity.type
_entity.pdbx_description
1 polymer 'Cholinephosphate cytidylyltransferase'
2 non-polymer 2-AMINOPYRIDINE
3 non-polymer Guanidinium
4 water water
#
_entity_poly.entity_id   1
_entity_poly.type   'polypeptide(L)'
_entity_poly.pdbx_seq_one_letter_code
;GHMAVPDDDDDDDNSNDESEYESSQMDSEKNKGSIKNSKNVVIYADGVYDMLHLGHMKQLEQAKKLFENTTLIVGVTSDN
ETKLFKGQVVQTLEERTETLKHIRWVDEIISPCPWVVTPEFLEKYKIDYVAHDDIPYANNQKEDIYAWLKRAGKFKATQR
TEGVSTTDLIVRILKNYEDY
;
_entity_poly.pdbx_strand_id   A
#
# COMPACT_ATOMS: atom_id res chain seq x y z
N SER A 38 -6.30 11.50 -21.00
CA SER A 38 -6.26 10.40 -21.97
C SER A 38 -4.89 9.72 -21.95
N LYS A 39 -3.92 10.39 -21.35
CA LYS A 39 -2.57 9.85 -21.21
C LYS A 39 -2.49 8.94 -20.00
N ASN A 40 -1.85 7.78 -20.17
CA ASN A 40 -1.74 6.82 -19.08
C ASN A 40 -0.72 7.30 -18.05
N VAL A 41 -1.18 7.52 -16.83
CA VAL A 41 -0.33 8.03 -15.75
C VAL A 41 0.07 6.87 -14.88
N VAL A 42 1.36 6.76 -14.56
CA VAL A 42 1.87 5.65 -13.78
C VAL A 42 1.97 6.07 -12.32
N ILE A 43 1.27 5.33 -11.47
CA ILE A 43 1.19 5.58 -10.04
C ILE A 43 1.84 4.42 -9.30
N TYR A 44 2.51 4.76 -8.21
CA TYR A 44 3.20 3.79 -7.37
C TYR A 44 2.74 4.06 -5.96
N ALA A 45 2.22 3.04 -5.30
CA ALA A 45 2.05 3.05 -3.85
C ALA A 45 2.73 1.82 -3.27
N ASP A 46 3.31 1.97 -2.11
CA ASP A 46 3.98 0.85 -1.47
C ASP A 46 3.46 0.75 -0.04
N GLY A 47 3.88 -0.29 0.66
CA GLY A 47 3.30 -0.54 1.96
C GLY A 47 3.62 -1.95 2.41
N VAL A 48 3.10 -2.30 3.57
CA VAL A 48 3.25 -3.64 4.12
C VAL A 48 2.08 -4.52 3.71
N TYR A 49 0.88 -4.00 3.78
CA TYR A 49 -0.31 -4.75 3.40
C TYR A 49 -0.41 -6.06 4.17
N ASP A 50 -0.10 -6.01 5.46
CA ASP A 50 -0.36 -7.15 6.33
C ASP A 50 -1.86 -7.26 6.56
N MET A 51 -2.38 -8.48 6.47
CA MET A 51 -3.80 -8.74 6.74
C MET A 51 -4.70 -7.72 6.05
N LEU A 52 -4.59 -7.72 4.73
CA LEU A 52 -5.28 -6.74 3.91
C LEU A 52 -6.71 -6.55 4.36
N HIS A 53 -7.12 -5.31 4.52
CA HIS A 53 -8.47 -5.02 4.97
C HIS A 53 -9.05 -3.89 4.15
N LEU A 54 -10.33 -3.62 4.39
CA LEU A 54 -11.06 -2.62 3.64
C LEU A 54 -10.35 -1.28 3.62
N GLY A 55 -9.48 -1.02 4.60
CA GLY A 55 -8.76 0.23 4.60
C GLY A 55 -7.68 0.28 3.54
N HIS A 56 -6.95 -0.83 3.35
CA HIS A 56 -5.97 -0.82 2.29
C HIS A 56 -6.65 -0.69 0.94
N MET A 57 -7.72 -1.46 0.75
CA MET A 57 -8.35 -1.44 -0.55
C MET A 57 -8.95 -0.07 -0.87
N LYS A 58 -9.53 0.60 0.10
CA LYS A 58 -10.02 1.93 -0.17
C LYS A 58 -8.87 2.81 -0.62
N GLN A 59 -7.71 2.67 0.02
CA GLN A 59 -6.55 3.46 -0.33
C GLN A 59 -6.06 3.16 -1.75
N LEU A 60 -6.00 1.87 -2.11
CA LEU A 60 -5.58 1.51 -3.45
C LEU A 60 -6.55 2.05 -4.50
N GLU A 61 -7.85 1.86 -4.29
CA GLU A 61 -8.82 2.43 -5.21
C GLU A 61 -8.54 3.91 -5.41
N GLN A 62 -8.24 4.61 -4.32
CA GLN A 62 -7.90 6.03 -4.40
C GLN A 62 -6.73 6.28 -5.33
N ALA A 63 -5.58 5.69 -5.00
CA ALA A 63 -4.42 5.82 -5.89
C ALA A 63 -4.83 5.54 -7.32
N LYS A 64 -5.59 4.46 -7.55
CA LYS A 64 -5.88 4.04 -8.91
C LYS A 64 -6.73 5.06 -9.65
N LYS A 65 -7.54 5.84 -8.94
CA LYS A 65 -8.45 6.78 -9.59
C LYS A 65 -7.98 8.22 -9.50
N LEU A 66 -6.75 8.46 -9.06
CA LEU A 66 -6.17 9.80 -9.15
C LEU A 66 -6.35 10.41 -10.55
N PHE A 67 -6.32 9.60 -11.60
CA PHE A 67 -6.48 10.12 -12.96
C PHE A 67 -7.42 9.22 -13.75
N GLU A 68 -7.79 9.70 -14.94
CA GLU A 68 -8.69 8.93 -15.77
C GLU A 68 -8.08 7.61 -16.19
N ASN A 69 -6.85 7.64 -16.68
CA ASN A 69 -6.18 6.42 -17.12
C ASN A 69 -4.87 6.29 -16.37
N THR A 70 -4.77 5.23 -15.58
CA THR A 70 -3.60 4.99 -14.76
C THR A 70 -3.16 3.54 -14.90
N THR A 71 -1.91 3.32 -14.55
CA THR A 71 -1.37 2.02 -14.20
C THR A 71 -0.97 2.14 -12.75
N LEU A 72 -1.60 1.38 -11.86
CA LEU A 72 -1.27 1.40 -10.45
C LEU A 72 -0.30 0.26 -10.17
N ILE A 73 0.91 0.63 -9.75
CA ILE A 73 1.96 -0.29 -9.36
C ILE A 73 1.98 -0.28 -7.86
N VAL A 74 2.01 -1.44 -7.24
CA VAL A 74 1.99 -1.54 -5.78
C VAL A 74 3.27 -2.24 -5.33
N GLY A 75 3.94 -1.67 -4.34
CA GLY A 75 5.17 -2.22 -3.82
C GLY A 75 4.90 -2.77 -2.43
N VAL A 76 5.42 -3.97 -2.20
CA VAL A 76 5.18 -4.74 -0.98
C VAL A 76 6.51 -4.90 -0.27
N THR A 77 6.58 -4.39 0.97
CA THR A 77 7.85 -4.34 1.69
C THR A 77 8.30 -5.73 2.13
N SER A 78 9.60 -5.97 2.11
CA SER A 78 10.11 -7.29 2.45
C SER A 78 9.90 -7.57 3.92
N ASP A 79 9.99 -8.85 4.31
CA ASP A 79 9.81 -9.21 5.71
C ASP A 79 10.95 -8.67 6.57
N ASN A 80 12.17 -8.89 6.11
CA ASN A 80 13.35 -8.47 6.86
C ASN A 80 13.27 -7.01 7.23
N GLU A 81 13.11 -6.15 6.21
CA GLU A 81 13.18 -4.72 6.45
C GLU A 81 11.99 -4.26 7.29
N THR A 82 10.79 -4.74 6.97
CA THR A 82 9.62 -4.32 7.70
C THR A 82 9.79 -4.57 9.21
N LYS A 83 10.13 -5.82 9.57
CA LYS A 83 10.26 -6.17 10.98
C LYS A 83 11.30 -5.30 11.67
N LEU A 84 12.43 -5.05 11.00
CA LEU A 84 13.55 -4.34 11.62
C LEU A 84 13.32 -2.84 11.73
N PHE A 85 12.59 -2.25 10.79
CA PHE A 85 12.43 -0.80 10.71
C PHE A 85 11.07 -0.32 11.21
N LYS A 86 10.05 -1.17 11.21
CA LYS A 86 8.73 -0.67 11.52
C LYS A 86 8.09 -1.41 12.69
N GLY A 87 7.82 -2.70 12.50
CA GLY A 87 7.16 -3.47 13.54
C GLY A 87 6.92 -4.88 13.08
N GLN A 88 6.14 -5.60 13.88
CA GLN A 88 5.90 -7.01 13.60
C GLN A 88 4.97 -7.16 12.40
N VAL A 89 5.14 -8.29 11.71
CA VAL A 89 4.36 -8.61 10.51
C VAL A 89 3.77 -9.99 10.69
N VAL A 90 2.46 -10.10 10.42
CA VAL A 90 1.81 -11.39 10.66
C VAL A 90 2.03 -12.33 9.48
N GLN A 91 1.94 -11.80 8.26
CA GLN A 91 1.95 -12.60 7.06
C GLN A 91 3.27 -12.43 6.33
N THR A 92 3.75 -13.52 5.72
CA THR A 92 4.99 -13.46 4.96
C THR A 92 4.84 -12.55 3.74
N LEU A 93 5.97 -12.29 3.07
CA LEU A 93 5.94 -11.59 1.79
C LEU A 93 5.03 -12.31 0.81
N GLU A 94 5.30 -13.58 0.55
CA GLU A 94 4.45 -14.36 -0.34
CA GLU A 94 4.45 -14.36 -0.34
C GLU A 94 2.97 -14.14 -0.06
N GLU A 95 2.53 -14.35 1.18
CA GLU A 95 1.12 -14.20 1.51
C GLU A 95 0.61 -12.77 1.25
N ARG A 96 1.31 -11.76 1.76
CA ARG A 96 0.81 -10.40 1.58
C ARG A 96 0.75 -10.03 0.12
N THR A 97 1.61 -10.62 -0.68
CA THR A 97 1.60 -10.33 -2.09
C THR A 97 0.51 -11.13 -2.80
N GLU A 98 0.31 -12.39 -2.40
CA GLU A 98 -0.72 -13.16 -3.09
C GLU A 98 -2.10 -12.54 -2.90
N THR A 99 -2.37 -11.98 -1.73
CA THR A 99 -3.67 -11.35 -1.52
C THR A 99 -3.85 -10.14 -2.44
N LEU A 100 -2.82 -9.29 -2.57
CA LEU A 100 -2.92 -8.11 -3.43
C LEU A 100 -3.24 -8.47 -4.87
N LYS A 101 -2.78 -9.62 -5.35
CA LYS A 101 -3.11 -10.02 -6.71
C LYS A 101 -4.63 -9.98 -6.91
N HIS A 102 -5.41 -10.17 -5.86
CA HIS A 102 -6.84 -10.30 -6.02
C HIS A 102 -7.61 -8.99 -5.99
N ILE A 103 -6.94 -7.86 -5.80
CA ILE A 103 -7.62 -6.57 -5.64
C ILE A 103 -7.74 -5.93 -7.01
N ARG A 104 -8.94 -5.47 -7.35
CA ARG A 104 -9.18 -5.02 -8.71
C ARG A 104 -8.38 -3.78 -9.09
N TRP A 105 -7.99 -2.95 -8.14
CA TRP A 105 -7.31 -1.72 -8.56
C TRP A 105 -5.85 -1.94 -8.90
N VAL A 106 -5.28 -3.08 -8.52
CA VAL A 106 -3.85 -3.32 -8.63
C VAL A 106 -3.52 -3.73 -10.06
N ASP A 107 -2.60 -3.02 -10.68
CA ASP A 107 -2.25 -3.35 -12.06
C ASP A 107 -0.94 -4.09 -12.14
N GLU A 108 0.03 -3.72 -11.32
CA GLU A 108 1.31 -4.40 -11.28
C GLU A 108 1.80 -4.40 -9.85
N ILE A 109 2.64 -5.38 -9.52
CA ILE A 109 3.17 -5.51 -8.18
C ILE A 109 4.69 -5.57 -8.24
N ILE A 110 5.37 -4.87 -7.35
CA ILE A 110 6.80 -5.02 -7.16
C ILE A 110 7.00 -5.58 -5.77
N SER A 111 7.47 -6.84 -5.69
CA SER A 111 7.54 -7.61 -4.46
C SER A 111 8.81 -8.43 -4.47
N PRO A 112 9.77 -8.19 -3.55
CA PRO A 112 9.68 -7.13 -2.55
C PRO A 112 10.00 -5.79 -3.18
N CYS A 113 9.60 -4.69 -2.55
CA CYS A 113 9.96 -3.40 -3.10
C CYS A 113 11.04 -2.77 -2.24
N PRO A 114 11.82 -1.84 -2.79
CA PRO A 114 12.81 -1.15 -1.98
C PRO A 114 12.12 -0.48 -0.80
N TRP A 115 12.80 -0.49 0.35
CA TRP A 115 12.23 0.14 1.53
C TRP A 115 12.18 1.66 1.38
N VAL A 116 13.17 2.27 0.71
CA VAL A 116 13.17 3.71 0.47
C VAL A 116 13.02 3.95 -1.02
N VAL A 117 12.03 4.79 -1.39
CA VAL A 117 11.89 5.24 -2.76
C VAL A 117 12.95 6.28 -3.06
N THR A 118 13.47 6.25 -4.29
CA THR A 118 14.56 7.09 -4.75
C THR A 118 14.23 7.61 -6.13
N PRO A 119 14.80 8.77 -6.50
CA PRO A 119 14.63 9.24 -7.89
C PRO A 119 14.94 8.17 -8.92
N GLU A 120 16.03 7.40 -8.72
CA GLU A 120 16.39 6.35 -9.68
C GLU A 120 15.26 5.35 -9.87
N PHE A 121 14.60 4.97 -8.77
CA PHE A 121 13.50 4.00 -8.83
C PHE A 121 12.37 4.48 -9.73
N LEU A 122 11.95 5.73 -9.56
CA LEU A 122 10.94 6.31 -10.43
C LEU A 122 11.33 6.23 -11.90
N GLU A 123 12.56 6.65 -12.22
CA GLU A 123 13.00 6.58 -13.60
C GLU A 123 12.96 5.15 -14.10
N LYS A 124 13.42 4.21 -13.29
CA LYS A 124 13.53 2.84 -13.77
C LYS A 124 12.17 2.31 -14.20
N TYR A 125 11.11 2.65 -13.46
CA TYR A 125 9.78 2.07 -13.70
C TYR A 125 8.83 3.04 -14.39
N LYS A 126 9.32 4.22 -14.78
CA LYS A 126 8.48 5.19 -15.49
C LYS A 126 7.28 5.57 -14.64
N ILE A 127 7.56 5.94 -13.39
CA ILE A 127 6.53 6.28 -12.42
C ILE A 127 6.30 7.78 -12.44
N ASP A 128 5.06 8.21 -12.70
CA ASP A 128 4.75 9.63 -12.68
C ASP A 128 4.46 10.17 -11.29
N TYR A 129 3.77 9.41 -10.43
CA TYR A 129 3.46 9.92 -9.09
C TYR A 129 3.55 8.80 -8.07
N VAL A 130 3.86 9.16 -6.83
CA VAL A 130 3.85 8.24 -5.71
C VAL A 130 2.63 8.58 -4.88
N ALA A 131 1.78 7.58 -4.61
CA ALA A 131 0.58 7.77 -3.81
C ALA A 131 0.85 7.23 -2.41
N HIS A 132 0.68 8.09 -1.42
CA HIS A 132 0.90 7.72 -0.02
C HIS A 132 0.07 8.67 0.83
N ASP A 133 0.09 8.47 2.14
CA ASP A 133 -0.69 9.34 3.00
C ASP A 133 0.18 10.34 3.76
N ILE A 145 10.09 13.57 4.76
CA ILE A 145 10.54 12.31 4.15
C ILE A 145 9.91 12.15 2.77
N TYR A 146 8.73 12.70 2.59
CA TYR A 146 8.14 12.87 1.28
C TYR A 146 8.54 14.19 0.65
N ALA A 147 9.26 15.04 1.39
CA ALA A 147 9.68 16.35 0.91
C ALA A 147 10.12 16.31 -0.54
N TRP A 148 11.17 15.54 -0.81
CA TRP A 148 11.73 15.51 -2.15
C TRP A 148 10.66 15.23 -3.20
N LEU A 149 9.67 14.39 -2.87
CA LEU A 149 8.62 14.07 -3.85
C LEU A 149 7.72 15.28 -4.10
N LYS A 150 7.23 15.91 -3.04
CA LYS A 150 6.41 17.10 -3.23
C LYS A 150 7.17 18.12 -4.06
N ARG A 151 8.43 18.36 -3.69
CA ARG A 151 9.28 19.30 -4.40
C ARG A 151 9.24 19.06 -5.89
N ALA A 152 9.24 17.79 -6.28
CA ALA A 152 9.31 17.40 -7.68
C ALA A 152 7.94 17.37 -8.34
N GLY A 153 6.87 17.69 -7.60
CA GLY A 153 5.53 17.55 -8.13
C GLY A 153 5.10 16.11 -8.37
N LYS A 154 5.77 15.14 -7.74
CA LYS A 154 5.49 13.73 -7.99
C LYS A 154 4.80 13.02 -6.81
N PHE A 155 4.20 13.79 -5.90
CA PHE A 155 3.53 13.25 -4.72
C PHE A 155 2.04 13.53 -4.75
N LYS A 156 1.23 12.51 -4.52
CA LYS A 156 -0.22 12.63 -4.48
C LYS A 156 -0.72 11.96 -3.21
N ALA A 157 -1.52 12.69 -2.42
CA ALA A 157 -1.93 12.16 -1.13
C ALA A 157 -3.11 11.23 -1.25
N THR A 158 -3.21 10.28 -0.31
CA THR A 158 -4.36 9.39 -0.13
C THR A 158 -4.65 9.29 1.36
N GLN A 159 -5.84 8.81 1.71
CA GLN A 159 -6.26 8.78 3.10
C GLN A 159 -6.48 7.36 3.60
N ARG A 160 -6.47 7.25 4.91
CA ARG A 160 -6.87 6.06 5.64
C ARG A 160 -8.33 6.15 6.07
N THR A 161 -8.86 5.00 6.48
CA THR A 161 -10.18 4.91 7.07
C THR A 161 -10.02 4.23 8.43
N GLU A 162 -10.75 4.72 9.42
CA GLU A 162 -10.59 4.14 10.75
C GLU A 162 -11.49 2.93 10.95
N GLY A 163 -11.21 2.20 12.03
CA GLY A 163 -12.10 1.15 12.54
C GLY A 163 -12.39 0.01 11.59
N VAL A 164 -11.74 0.00 10.43
CA VAL A 164 -11.93 -1.07 9.46
C VAL A 164 -10.88 -2.15 9.59
N SER A 165 -9.99 -2.07 10.59
CA SER A 165 -8.84 -2.94 10.63
C SER A 165 -9.21 -4.32 11.15
N THR A 166 -8.49 -5.32 10.63
CA THR A 166 -8.75 -6.69 11.03
C THR A 166 -8.65 -6.86 12.55
N THR A 167 -7.68 -6.19 13.19
CA THR A 167 -7.65 -6.24 14.65
C THR A 167 -8.98 -5.78 15.24
N ASP A 168 -9.57 -4.73 14.69
CA ASP A 168 -10.85 -4.26 15.20
C ASP A 168 -11.90 -5.35 15.18
N LEU A 169 -11.82 -6.27 14.21
CA LEU A 169 -12.86 -7.29 14.08
C LEU A 169 -12.76 -8.32 15.19
N ILE A 170 -11.55 -8.75 15.54
CA ILE A 170 -11.39 -9.62 16.69
C ILE A 170 -12.00 -8.97 17.92
N VAL A 171 -11.77 -7.68 18.08
CA VAL A 171 -12.47 -6.93 19.12
C VAL A 171 -13.95 -7.25 19.08
N ARG A 172 -14.57 -7.00 17.92
CA ARG A 172 -16.02 -7.19 17.81
C ARG A 172 -16.42 -8.61 18.18
N ILE A 173 -15.67 -9.61 17.72
CA ILE A 173 -15.99 -10.99 18.08
C ILE A 173 -16.00 -11.17 19.58
N LEU A 174 -15.10 -10.49 20.28
CA LEU A 174 -14.96 -10.74 21.70
C LEU A 174 -16.07 -10.09 22.52
N LYS A 175 -16.65 -8.99 22.03
CA LYS A 175 -17.80 -8.39 22.72
C LYS A 175 -18.89 -9.41 23.00
N ASN A 176 -18.94 -10.49 22.23
CA ASN A 176 -19.96 -11.52 22.40
C ASN A 176 -19.84 -12.24 23.73
N TYR A 177 -18.81 -11.90 24.52
CA TYR A 177 -18.55 -12.53 25.81
C TYR A 177 -18.37 -11.39 26.82
N GLU A 178 -19.48 -10.98 27.42
CA GLU A 178 -19.43 -9.92 28.41
C GLU A 178 -18.33 -10.24 29.42
N ASP A 179 -17.80 -9.21 30.06
CA ASP A 179 -16.68 -9.43 30.97
C ASP A 179 -17.09 -10.19 32.22
N TYR A 180 -18.38 -10.26 32.54
CA TYR A 180 -18.83 -11.02 33.70
C TYR A 180 -20.06 -11.86 33.38
#